data_4GED
#
_entry.id   4GED
#
_cell.length_a   149.750
_cell.length_b   149.750
_cell.length_c   36.420
_cell.angle_alpha   90.00
_cell.angle_beta   90.00
_cell.angle_gamma   90.00
#
_symmetry.space_group_name_H-M   'P 42 21 2'
#
loop_
_entity.id
_entity.type
_entity.pdbx_description
1 polymer 'Ascorbate peroxidase'
2 polymer 'Cytochrome c'
3 non-polymer 'PROTOPORPHYRIN IX CONTAINING FE'
4 non-polymer 'POTASSIUM ION'
5 non-polymer 'MAGNESIUM ION'
6 non-polymer 'HEME C'
7 water water
#
loop_
_entity_poly.entity_id
_entity_poly.type
_entity_poly.pdbx_seq_one_letter_code
_entity_poly.pdbx_strand_id
1 'polypeptide(L)'
;SEEPPFDIRALRADIEDMISEKLELGPSLIRLAWHEAASYDCFKKDGSPNSASMRFKPECLYAGNKGLDIPRKALETLKK
KYPQISYADLWVLAAYVAIEYMGGPTIPFCWGRVDAKDGSVCGPDGRLPDGSKTQSHVREVFRRLGFNDQETVALIGAHT
CGECHIEFSGYHGPWTHDKNGFDNSFFTQLLDEDWVLNPKVEQMQLMDRATTKLMMLPSDVCLLLDPSYRKYVELYAKDN
DRFNKDFANAFKKLTELGTRNLHKAPAS
;
A
2 'polypeptide(L)'
;MPPKARAPLPPGDVERGEKLFKGRAAQCHTATKGGSNGVGPNLFGIVNRPSGKVEGFTYSKANAESGVIWTPEVLDVYLE
NPKKFMPGTKMSFAGIKKPQERADVIAYLETLK
;
B
#
loop_
_chem_comp.id
_chem_comp.type
_chem_comp.name
_chem_comp.formula
HEC non-polymer 'HEME C' 'C34 H34 Fe N4 O4'
HEM non-polymer 'PROTOPORPHYRIN IX CONTAINING FE' 'C34 H32 Fe N4 O4'
K non-polymer 'POTASSIUM ION' 'K 1'
MG non-polymer 'MAGNESIUM ION' 'Mg 2'
#
# COMPACT_ATOMS: atom_id res chain seq x y z
N SER A 1 -12.51 -16.31 19.33
CA SER A 1 -12.46 -14.86 19.29
C SER A 1 -12.94 -14.25 20.60
N GLU A 2 -12.47 -13.02 20.91
CA GLU A 2 -12.84 -12.29 22.14
C GLU A 2 -13.18 -10.85 21.79
N GLU A 3 -14.27 -10.30 22.38
CA GLU A 3 -14.71 -8.93 22.11
C GLU A 3 -13.82 -7.92 22.84
N PRO A 4 -13.24 -6.93 22.13
CA PRO A 4 -12.40 -5.93 22.82
C PRO A 4 -13.22 -4.91 23.60
N PRO A 5 -12.58 -4.09 24.46
CA PRO A 5 -13.32 -3.06 25.21
C PRO A 5 -13.75 -1.85 24.36
N PHE A 6 -13.39 -1.82 23.05
CA PHE A 6 -13.76 -0.78 22.09
C PHE A 6 -14.66 -1.40 21.04
N ASP A 7 -15.53 -0.60 20.41
CA ASP A 7 -16.39 -1.09 19.34
C ASP A 7 -15.54 -1.16 18.03
N ILE A 8 -14.91 -2.32 17.81
CA ILE A 8 -14.04 -2.59 16.65
C ILE A 8 -14.78 -2.51 15.29
N ARG A 9 -16.07 -2.88 15.23
CA ARG A 9 -16.84 -2.84 13.98
CA ARG A 9 -16.84 -2.84 13.98
C ARG A 9 -17.05 -1.41 13.51
N ALA A 10 -17.50 -0.53 14.43
CA ALA A 10 -17.70 0.89 14.12
C ALA A 10 -16.35 1.57 13.85
N LEU A 11 -15.29 1.19 14.59
CA LEU A 11 -13.92 1.72 14.41
C LEU A 11 -13.36 1.38 13.00
N ARG A 12 -13.47 0.10 12.59
CA ARG A 12 -13.02 -0.36 11.26
C ARG A 12 -13.72 0.41 10.14
N ALA A 13 -15.03 0.72 10.31
CA ALA A 13 -15.79 1.49 9.30
C ALA A 13 -15.34 2.95 9.29
N ASP A 14 -15.05 3.54 10.47
CA ASP A 14 -14.59 4.93 10.55
C ASP A 14 -13.18 5.10 9.96
N ILE A 15 -12.32 4.05 10.04
CA ILE A 15 -10.98 4.13 9.42
C ILE A 15 -11.15 4.11 7.90
N GLU A 16 -12.01 3.23 7.35
CA GLU A 16 -12.27 3.18 5.90
C GLU A 16 -12.81 4.52 5.37
N ASP A 17 -13.71 5.15 6.15
CA ASP A 17 -14.30 6.45 5.83
C ASP A 17 -13.23 7.53 5.78
N MET A 18 -12.34 7.56 6.79
CA MET A 18 -11.24 8.53 6.85
CA MET A 18 -11.24 8.53 6.85
C MET A 18 -10.32 8.38 5.63
N ILE A 19 -10.01 7.12 5.24
CA ILE A 19 -9.16 6.82 4.08
C ILE A 19 -9.88 7.23 2.79
N SER A 20 -11.22 7.03 2.67
CA SER A 20 -11.96 7.41 1.44
C SER A 20 -11.90 8.95 1.16
N GLU A 21 -11.81 9.77 2.23
CA GLU A 21 -11.74 11.24 2.12
CA GLU A 21 -11.74 11.24 2.12
C GLU A 21 -10.35 11.67 1.64
N LYS A 22 -9.30 10.87 1.92
CA LYS A 22 -7.91 11.15 1.53
C LYS A 22 -7.17 9.82 1.32
N LEU A 23 -7.24 9.25 0.09
CA LEU A 23 -6.67 7.92 -0.22
C LEU A 23 -5.16 7.81 0.10
N GLU A 24 -4.41 8.93 0.04
CA GLU A 24 -2.96 8.96 0.32
C GLU A 24 -2.67 8.65 1.79
N LEU A 25 -3.68 8.69 2.65
CA LEU A 25 -3.53 8.33 4.06
C LEU A 25 -3.30 6.80 4.20
N GLY A 26 -3.91 5.97 3.33
CA GLY A 26 -3.75 4.51 3.39
C GLY A 26 -2.31 4.05 3.49
N PRO A 27 -1.47 4.36 2.47
CA PRO A 27 -0.05 3.97 2.55
C PRO A 27 0.70 4.56 3.76
N SER A 28 0.40 5.81 4.13
CA SER A 28 1.00 6.48 5.28
C SER A 28 0.72 5.72 6.60
N LEU A 29 -0.51 5.19 6.76
CA LEU A 29 -0.88 4.39 7.93
C LEU A 29 -0.06 3.10 7.99
N ILE A 30 0.23 2.48 6.84
CA ILE A 30 1.04 1.26 6.76
C ILE A 30 2.48 1.59 7.19
N ARG A 31 3.02 2.72 6.69
CA ARG A 31 4.38 3.14 7.02
C ARG A 31 4.49 3.44 8.51
N LEU A 32 3.46 4.09 9.11
CA LEU A 32 3.45 4.39 10.54
C LEU A 32 3.59 3.11 11.38
N ALA A 33 2.74 2.09 11.11
CA ALA A 33 2.78 0.84 11.88
C ALA A 33 4.11 0.08 11.66
N TRP A 34 4.66 0.13 10.43
CA TRP A 34 5.93 -0.54 10.12
C TRP A 34 7.09 0.10 10.91
N HIS A 35 7.17 1.44 10.95
CA HIS A 35 8.26 2.14 11.64
C HIS A 35 8.12 2.07 13.17
N GLU A 36 6.90 1.90 13.70
CA GLU A 36 6.70 1.72 15.14
C GLU A 36 7.24 0.35 15.56
N ALA A 37 7.28 -0.64 14.65
CA ALA A 37 7.81 -1.98 14.91
C ALA A 37 9.29 -2.11 14.50
N ALA A 38 9.77 -1.32 13.51
CA ALA A 38 11.13 -1.41 12.97
C ALA A 38 12.25 -0.98 13.94
N SER A 39 11.92 -0.38 15.10
CA SER A 39 12.91 0.00 16.12
C SER A 39 13.50 -1.23 16.83
N TYR A 40 12.81 -2.37 16.80
CA TYR A 40 13.22 -3.61 17.45
C TYR A 40 14.61 -4.13 17.01
N ASP A 41 15.28 -4.79 17.96
CA ASP A 41 16.54 -5.50 17.78
C ASP A 41 16.38 -6.80 18.56
N CYS A 42 16.25 -7.95 17.86
CA CYS A 42 16.03 -9.25 18.49
C CYS A 42 17.28 -9.76 19.25
N PHE A 43 18.50 -9.23 18.96
CA PHE A 43 19.72 -9.63 19.66
C PHE A 43 19.92 -8.84 20.96
N LYS A 44 19.63 -7.52 20.94
CA LYS A 44 19.75 -6.62 22.11
C LYS A 44 18.42 -6.56 22.89
N LYS A 45 17.31 -7.08 22.33
CA LYS A 45 15.99 -7.13 22.96
C LYS A 45 15.55 -5.74 23.48
N ASP A 46 15.53 -4.75 22.58
CA ASP A 46 15.13 -3.37 22.90
C ASP A 46 14.51 -2.69 21.68
N GLY A 47 14.18 -1.40 21.81
CA GLY A 47 13.56 -0.63 20.73
C GLY A 47 12.10 -0.30 21.00
N SER A 48 11.45 -1.13 21.86
CA SER A 48 10.05 -1.00 22.25
C SER A 48 9.12 -1.01 21.04
N PRO A 49 9.12 -2.11 20.27
CA PRO A 49 8.22 -2.18 19.10
C PRO A 49 6.76 -2.33 19.49
N ASN A 50 5.86 -1.86 18.62
CA ASN A 50 4.41 -1.99 18.75
C ASN A 50 3.87 -1.53 20.11
N SER A 51 4.39 -0.38 20.59
CA SER A 51 4.01 0.25 21.85
C SER A 51 3.65 1.74 21.66
N ALA A 52 3.57 2.21 20.40
CA ALA A 52 3.32 3.61 20.05
C ALA A 52 4.34 4.56 20.74
N SER A 53 5.60 4.13 20.87
CA SER A 53 6.67 4.91 21.50
C SER A 53 7.13 6.07 20.59
N MET A 54 6.72 6.09 19.28
CA MET A 54 7.05 7.15 18.33
C MET A 54 6.28 8.47 18.67
N ARG A 55 5.29 8.47 19.60
CA ARG A 55 4.60 9.70 19.99
CA ARG A 55 4.59 9.69 20.02
C ARG A 55 5.52 10.66 20.76
N PHE A 56 6.62 10.13 21.34
CA PHE A 56 7.54 10.95 22.14
C PHE A 56 8.91 11.19 21.50
N LYS A 57 9.61 12.20 22.05
CA LYS A 57 11.00 12.49 21.72
C LYS A 57 11.84 11.45 22.47
N PRO A 58 12.99 10.98 21.95
CA PRO A 58 13.66 11.36 20.70
C PRO A 58 13.16 10.63 19.44
N GLU A 59 12.50 9.46 19.57
CA GLU A 59 12.04 8.63 18.45
C GLU A 59 11.20 9.38 17.38
N CYS A 60 10.35 10.33 17.79
CA CYS A 60 9.52 11.10 16.85
C CYS A 60 10.37 12.00 15.93
N LEU A 61 11.56 12.45 16.41
CA LEU A 61 12.45 13.33 15.63
C LEU A 61 13.49 12.58 14.77
N TYR A 62 13.57 11.22 14.82
CA TYR A 62 14.55 10.49 13.99
C TYR A 62 14.26 10.73 12.51
N ALA A 63 15.33 10.88 11.69
CA ALA A 63 15.24 11.17 10.26
C ALA A 63 14.30 10.23 9.53
N GLY A 64 14.42 8.93 9.80
CA GLY A 64 13.58 7.90 9.21
C GLY A 64 12.08 8.05 9.46
N ASN A 65 11.69 8.71 10.56
CA ASN A 65 10.30 8.93 10.93
C ASN A 65 9.75 10.31 10.47
N LYS A 66 10.47 11.05 9.58
CA LYS A 66 9.96 12.33 9.07
C LYS A 66 8.65 12.09 8.30
N GLY A 67 7.65 12.94 8.54
CA GLY A 67 6.34 12.84 7.92
C GLY A 67 5.32 11.98 8.65
N LEU A 68 5.75 11.14 9.61
CA LEU A 68 4.84 10.23 10.31
C LEU A 68 3.96 10.92 11.37
N ASP A 69 4.12 12.23 11.59
CA ASP A 69 3.19 13.00 12.41
C ASP A 69 1.80 13.11 11.71
N ILE A 70 1.73 13.03 10.36
CA ILE A 70 0.45 13.12 9.62
C ILE A 70 -0.47 11.93 10.01
N PRO A 71 -0.09 10.65 9.78
CA PRO A 71 -0.97 9.54 10.21
C PRO A 71 -1.20 9.53 11.71
N ARG A 72 -0.25 9.99 12.55
CA ARG A 72 -0.44 10.05 14.01
C ARG A 72 -1.54 11.05 14.40
N LYS A 73 -1.54 12.27 13.80
CA LYS A 73 -2.59 13.27 14.09
C LYS A 73 -3.93 12.85 13.50
N ALA A 74 -3.94 12.17 12.33
CA ALA A 74 -5.20 11.69 11.76
C ALA A 74 -5.90 10.69 12.71
N LEU A 75 -5.12 9.78 13.32
CA LEU A 75 -5.66 8.77 14.24
C LEU A 75 -5.98 9.32 15.65
N GLU A 76 -5.46 10.51 16.07
CA GLU A 76 -5.77 11.08 17.40
CA GLU A 76 -5.77 11.07 17.40
C GLU A 76 -7.27 11.36 17.52
N THR A 77 -7.95 11.70 16.40
CA THR A 77 -9.39 11.97 16.42
C THR A 77 -10.16 10.67 16.73
N LEU A 78 -9.71 9.53 16.17
CA LEU A 78 -10.33 8.23 16.45
C LEU A 78 -10.06 7.79 17.90
N LYS A 79 -8.88 8.13 18.45
CA LYS A 79 -8.55 7.82 19.86
C LYS A 79 -9.54 8.52 20.81
N LYS A 80 -10.01 9.74 20.46
CA LYS A 80 -11.00 10.47 21.27
C LYS A 80 -12.37 9.79 21.20
N LYS A 81 -12.78 9.35 19.99
CA LYS A 81 -14.07 8.68 19.79
C LYS A 81 -14.09 7.26 20.40
N TYR A 82 -12.93 6.57 20.45
CA TYR A 82 -12.78 5.22 21.01
C TYR A 82 -11.65 5.26 22.07
N PRO A 83 -11.91 5.75 23.30
CA PRO A 83 -10.82 5.85 24.30
C PRO A 83 -10.29 4.52 24.86
N GLN A 84 -11.03 3.41 24.70
CA GLN A 84 -10.65 2.12 25.26
C GLN A 84 -9.50 1.46 24.48
N ILE A 85 -9.33 1.78 23.18
CA ILE A 85 -8.23 1.23 22.38
C ILE A 85 -6.93 1.95 22.74
N SER A 86 -5.83 1.19 22.85
CA SER A 86 -4.50 1.78 23.06
C SER A 86 -4.02 2.37 21.72
N TYR A 87 -3.12 3.39 21.78
CA TYR A 87 -2.55 3.97 20.55
C TYR A 87 -1.82 2.91 19.72
N ALA A 88 -1.13 1.95 20.38
CA ALA A 88 -0.37 0.88 19.72
C ALA A 88 -1.28 -0.03 18.91
N ASP A 89 -2.41 -0.44 19.51
CA ASP A 89 -3.41 -1.27 18.82
C ASP A 89 -4.04 -0.52 17.66
N LEU A 90 -4.36 0.77 17.88
CA LEU A 90 -5.01 1.63 16.89
C LEU A 90 -4.15 1.80 15.63
N TRP A 91 -2.83 2.00 15.79
CA TRP A 91 -1.93 2.16 14.64
C TRP A 91 -1.88 0.86 13.81
N VAL A 92 -1.82 -0.30 14.49
CA VAL A 92 -1.76 -1.60 13.80
C VAL A 92 -3.09 -1.89 13.09
N LEU A 93 -4.23 -1.68 13.76
CA LEU A 93 -5.54 -1.91 13.16
C LEU A 93 -5.74 -0.97 11.95
N ALA A 94 -5.33 0.29 12.08
CA ALA A 94 -5.44 1.26 10.98
C ALA A 94 -4.63 0.80 9.75
N ALA A 95 -3.45 0.19 9.98
CA ALA A 95 -2.63 -0.34 8.88
C ALA A 95 -3.33 -1.55 8.24
N TYR A 96 -3.91 -2.44 9.05
CA TYR A 96 -4.61 -3.64 8.56
C TYR A 96 -5.84 -3.26 7.71
N VAL A 97 -6.58 -2.23 8.14
CA VAL A 97 -7.77 -1.73 7.43
C VAL A 97 -7.34 -1.15 6.06
N ALA A 98 -6.27 -0.34 6.05
CA ALA A 98 -5.73 0.28 4.81
C ALA A 98 -5.28 -0.78 3.81
N ILE A 99 -4.62 -1.85 4.29
CA ILE A 99 -4.17 -2.95 3.44
C ILE A 99 -5.38 -3.61 2.77
N GLU A 100 -6.42 -3.97 3.54
CA GLU A 100 -7.65 -4.59 3.02
C GLU A 100 -8.45 -3.61 2.12
N TYR A 101 -8.56 -2.33 2.54
CA TYR A 101 -9.28 -1.30 1.78
C TYR A 101 -8.70 -1.09 0.37
N MET A 102 -7.37 -1.14 0.23
CA MET A 102 -6.68 -0.97 -1.04
C MET A 102 -6.61 -2.28 -1.90
N GLY A 103 -7.29 -3.34 -1.48
CA GLY A 103 -7.35 -4.59 -2.26
C GLY A 103 -6.40 -5.69 -1.81
N GLY A 104 -5.66 -5.45 -0.74
CA GLY A 104 -4.73 -6.43 -0.17
C GLY A 104 -5.40 -7.47 0.69
N PRO A 105 -4.61 -8.28 1.42
CA PRO A 105 -5.21 -9.34 2.25
C PRO A 105 -5.91 -8.84 3.49
N THR A 106 -6.82 -9.68 4.03
CA THR A 106 -7.49 -9.46 5.31
C THR A 106 -6.59 -10.09 6.39
N ILE A 107 -5.89 -9.27 7.18
CA ILE A 107 -4.98 -9.79 8.21
C ILE A 107 -5.76 -9.95 9.52
N PRO A 108 -5.81 -11.18 10.13
CA PRO A 108 -6.53 -11.32 11.40
C PRO A 108 -5.92 -10.44 12.50
N PHE A 109 -6.73 -9.59 13.13
CA PHE A 109 -6.26 -8.63 14.13
C PHE A 109 -6.29 -9.16 15.55
N CYS A 110 -5.13 -9.10 16.24
CA CYS A 110 -5.02 -9.45 17.65
C CYS A 110 -4.88 -8.17 18.46
N TRP A 111 -5.65 -8.04 19.55
CA TRP A 111 -5.66 -6.83 20.39
C TRP A 111 -5.03 -7.11 21.78
N GLY A 112 -4.58 -6.03 22.43
CA GLY A 112 -3.95 -6.08 23.75
C GLY A 112 -2.61 -5.39 23.90
N ARG A 113 -2.06 -4.73 22.85
CA ARG A 113 -0.78 -4.03 22.97
C ARG A 113 -0.86 -2.91 24.01
N VAL A 114 0.16 -2.82 24.87
CA VAL A 114 0.23 -1.80 25.92
C VAL A 114 1.06 -0.64 25.39
N ASP A 115 0.57 0.60 25.59
CA ASP A 115 1.27 1.80 25.13
C ASP A 115 2.46 2.14 26.02
N ALA A 116 3.46 2.80 25.42
CA ALA A 116 4.63 3.31 26.15
C ALA A 116 4.20 4.53 26.96
N LYS A 117 4.72 4.70 28.17
CA LYS A 117 4.35 5.82 29.05
C LYS A 117 5.09 7.11 28.67
N ASP A 118 6.35 7.00 28.21
CA ASP A 118 7.14 8.17 27.84
C ASP A 118 8.31 7.74 26.94
N GLY A 119 9.14 8.71 26.54
CA GLY A 119 10.28 8.48 25.66
C GLY A 119 11.48 7.74 26.23
N SER A 120 11.49 7.43 27.55
CA SER A 120 12.62 6.72 28.18
C SER A 120 12.74 5.25 27.72
N VAL A 121 11.65 4.66 27.16
CA VAL A 121 11.68 3.29 26.64
C VAL A 121 12.14 3.25 25.15
N CYS A 122 12.36 4.41 24.50
CA CYS A 122 12.73 4.46 23.07
C CYS A 122 14.11 3.86 22.81
N GLY A 123 14.27 3.31 21.61
CA GLY A 123 15.55 2.77 21.16
C GLY A 123 16.41 3.87 20.57
N PRO A 124 17.66 3.57 20.21
CA PRO A 124 18.52 4.60 19.61
C PRO A 124 18.17 4.85 18.14
N ASP A 125 18.83 5.86 17.56
CA ASP A 125 18.70 6.18 16.14
C ASP A 125 19.54 5.15 15.36
N GLY A 126 19.39 5.14 14.03
CA GLY A 126 20.12 4.23 13.17
C GLY A 126 19.53 2.83 13.01
N ARG A 127 18.30 2.60 13.53
CA ARG A 127 17.61 1.30 13.42
C ARG A 127 16.78 1.22 12.12
N LEU A 128 16.31 2.36 11.60
CA LEU A 128 15.43 2.41 10.44
C LEU A 128 16.24 2.27 9.14
N PRO A 129 15.73 1.54 8.11
CA PRO A 129 16.55 1.35 6.89
C PRO A 129 16.71 2.61 6.05
N ASP A 130 17.85 2.68 5.35
CA ASP A 130 18.24 3.81 4.51
C ASP A 130 18.03 3.44 3.05
N GLY A 131 17.24 4.26 2.34
CA GLY A 131 16.94 4.06 0.93
C GLY A 131 18.13 4.15 -0.01
N SER A 132 19.22 4.84 0.41
CA SER A 132 20.41 4.98 -0.41
C SER A 132 21.33 3.75 -0.41
N LYS A 133 21.06 2.75 0.47
CA LYS A 133 21.92 1.58 0.64
C LYS A 133 21.34 0.34 -0.04
N THR A 134 22.11 -0.76 -0.09
CA THR A 134 21.74 -1.96 -0.86
C THR A 134 21.65 -3.24 0.04
N GLN A 135 21.77 -4.45 -0.58
CA GLN A 135 21.44 -5.73 0.04
C GLN A 135 22.18 -6.05 1.36
N SER A 136 23.44 -5.65 1.53
CA SER A 136 24.17 -5.91 2.78
CA SER A 136 24.15 -5.93 2.78
CA SER A 136 24.17 -5.91 2.78
C SER A 136 23.48 -5.20 3.95
N HIS A 137 23.09 -3.94 3.75
CA HIS A 137 22.41 -3.13 4.75
C HIS A 137 20.97 -3.63 4.95
N VAL A 138 20.24 -3.95 3.86
CA VAL A 138 18.87 -4.44 3.94
C VAL A 138 18.84 -5.77 4.74
N ARG A 139 19.75 -6.72 4.41
CA ARG A 139 19.79 -8.03 5.10
C ARG A 139 20.15 -7.84 6.59
N GLU A 140 21.10 -6.93 6.90
CA GLU A 140 21.50 -6.63 8.29
C GLU A 140 20.30 -6.17 9.12
N VAL A 141 19.52 -5.24 8.58
CA VAL A 141 18.34 -4.68 9.27
C VAL A 141 17.26 -5.75 9.49
N PHE A 142 16.90 -6.50 8.44
CA PHE A 142 15.83 -7.49 8.56
C PHE A 142 16.27 -8.72 9.41
N ARG A 143 17.57 -9.07 9.41
CA ARG A 143 18.11 -10.13 10.27
C ARG A 143 18.03 -9.70 11.75
N ARG A 144 18.28 -8.40 12.01
CA ARG A 144 18.17 -7.78 13.35
C ARG A 144 16.71 -7.78 13.84
N LEU A 145 15.74 -7.69 12.92
CA LEU A 145 14.32 -7.75 13.25
C LEU A 145 13.83 -9.20 13.45
N GLY A 146 14.55 -10.18 12.91
CA GLY A 146 14.21 -11.61 13.01
C GLY A 146 13.51 -12.17 11.79
N PHE A 147 13.67 -11.53 10.61
CA PHE A 147 13.07 -11.99 9.35
C PHE A 147 14.07 -12.68 8.45
N ASN A 148 13.57 -13.68 7.72
CA ASN A 148 14.37 -14.39 6.72
C ASN A 148 14.25 -13.61 5.39
N ASP A 149 14.90 -14.05 4.32
CA ASP A 149 14.85 -13.32 3.04
C ASP A 149 13.46 -13.34 2.39
N GLN A 150 12.78 -14.48 2.42
CA GLN A 150 11.41 -14.58 1.88
C GLN A 150 10.50 -13.50 2.49
N GLU A 151 10.53 -13.36 3.85
CA GLU A 151 9.70 -12.39 4.58
C GLU A 151 10.14 -10.95 4.28
N THR A 152 11.47 -10.71 4.19
CA THR A 152 12.02 -9.39 3.84
C THR A 152 11.48 -8.90 2.49
N VAL A 153 11.57 -9.76 1.47
CA VAL A 153 11.10 -9.40 0.11
C VAL A 153 9.56 -9.19 0.11
N ALA A 154 8.79 -10.05 0.81
CA ALA A 154 7.33 -9.87 0.89
C ALA A 154 6.99 -8.51 1.50
N LEU A 155 7.67 -8.14 2.59
CA LEU A 155 7.40 -6.88 3.31
C LEU A 155 7.75 -5.63 2.50
N ILE A 156 8.91 -5.62 1.82
CA ILE A 156 9.31 -4.46 0.98
C ILE A 156 8.29 -4.29 -0.19
N GLY A 157 7.60 -5.38 -0.55
CA GLY A 157 6.48 -5.36 -1.49
C GLY A 157 5.35 -4.38 -1.17
N ALA A 158 5.30 -3.83 0.07
CA ALA A 158 4.34 -2.77 0.46
C ALA A 158 4.55 -1.48 -0.33
N HIS A 159 5.74 -1.33 -0.96
CA HIS A 159 6.02 -0.21 -1.84
C HIS A 159 5.15 -0.24 -3.12
N THR A 160 4.28 -1.27 -3.27
CA THR A 160 3.23 -1.30 -4.29
C THR A 160 2.32 -0.07 -4.13
N CYS A 161 2.21 0.48 -2.91
CA CYS A 161 1.38 1.63 -2.65
C CYS A 161 2.19 2.74 -2.00
N GLY A 162 1.71 3.97 -2.20
CA GLY A 162 2.35 5.17 -1.69
C GLY A 162 3.35 5.82 -2.62
N GLU A 163 4.10 6.76 -2.05
CA GLU A 163 5.09 7.53 -2.77
C GLU A 163 6.11 8.17 -1.84
N CYS A 164 7.24 8.59 -2.43
CA CYS A 164 8.31 9.31 -1.74
C CYS A 164 8.04 10.81 -1.82
N HIS A 165 8.36 11.53 -0.75
CA HIS A 165 8.21 12.98 -0.62
C HIS A 165 9.59 13.59 -0.40
N ILE A 166 9.95 14.62 -1.18
CA ILE A 166 11.26 15.27 -1.06
C ILE A 166 11.49 15.79 0.37
N GLU A 167 10.45 16.40 0.97
CA GLU A 167 10.53 16.95 2.31
C GLU A 167 10.73 15.89 3.42
N PHE A 168 10.37 14.61 3.19
CA PHE A 168 10.52 13.58 4.23
C PHE A 168 11.75 12.69 4.02
N SER A 169 12.01 12.20 2.81
CA SER A 169 13.14 11.31 2.52
C SER A 169 14.16 11.87 1.50
N GLY A 170 13.83 12.95 0.79
CA GLY A 170 14.68 13.49 -0.25
C GLY A 170 14.45 12.83 -1.60
N TYR A 171 13.64 11.74 -1.65
CA TYR A 171 13.28 11.04 -2.88
C TYR A 171 11.93 11.55 -3.36
N HIS A 172 11.53 11.17 -4.57
CA HIS A 172 10.26 11.63 -5.11
C HIS A 172 9.52 10.66 -6.02
N GLY A 173 8.21 10.53 -5.75
CA GLY A 173 7.29 9.82 -6.61
C GLY A 173 6.88 8.42 -6.19
N PRO A 174 5.95 7.84 -6.97
CA PRO A 174 5.44 6.51 -6.65
C PRO A 174 6.24 5.39 -7.29
N TRP A 175 6.09 4.17 -6.77
CA TRP A 175 6.72 2.98 -7.35
C TRP A 175 5.88 2.36 -8.49
N THR A 176 4.51 2.47 -8.43
CA THR A 176 3.63 1.90 -9.44
C THR A 176 2.65 2.92 -9.94
N HIS A 177 1.93 2.59 -11.04
CA HIS A 177 0.94 3.49 -11.58
C HIS A 177 -0.42 3.40 -10.83
N ASP A 178 -0.56 2.55 -9.79
CA ASP A 178 -1.77 2.45 -8.96
C ASP A 178 -1.30 2.60 -7.51
N LYS A 179 -0.88 3.83 -7.17
CA LYS A 179 -0.26 4.12 -5.88
C LYS A 179 -1.22 3.99 -4.71
N ASN A 180 -2.55 3.98 -4.94
CA ASN A 180 -3.52 3.79 -3.85
C ASN A 180 -4.18 2.39 -3.94
N GLY A 181 -3.44 1.42 -4.49
CA GLY A 181 -3.85 0.03 -4.63
C GLY A 181 -2.79 -0.92 -4.09
N PHE A 182 -3.22 -2.01 -3.44
CA PHE A 182 -2.33 -2.97 -2.81
C PHE A 182 -2.40 -4.34 -3.51
N ASP A 183 -1.33 -4.68 -4.23
CA ASP A 183 -1.15 -5.96 -4.93
C ASP A 183 0.37 -6.19 -5.19
N ASN A 184 0.72 -7.24 -5.95
CA ASN A 184 2.12 -7.60 -6.25
C ASN A 184 2.77 -6.72 -7.34
N SER A 185 2.18 -5.54 -7.72
CA SER A 185 2.68 -4.75 -8.85
C SER A 185 4.06 -4.13 -8.63
N PHE A 186 4.56 -4.07 -7.38
CA PHE A 186 5.93 -3.59 -7.12
C PHE A 186 6.91 -4.56 -7.80
N PHE A 187 6.65 -5.88 -7.71
CA PHE A 187 7.53 -6.91 -8.27
C PHE A 187 7.42 -6.99 -9.78
N THR A 188 6.20 -6.88 -10.36
CA THR A 188 6.09 -6.90 -11.82
C THR A 188 6.75 -5.63 -12.40
N GLN A 189 6.61 -4.46 -11.70
CA GLN A 189 7.26 -3.21 -12.13
C GLN A 189 8.78 -3.33 -12.08
N LEU A 190 9.29 -3.92 -11.00
CA LEU A 190 10.73 -4.09 -10.78
C LEU A 190 11.36 -4.94 -11.92
N LEU A 191 10.66 -6.00 -12.40
CA LEU A 191 11.16 -6.87 -13.47
C LEU A 191 10.86 -6.41 -14.90
N ASP A 192 9.69 -5.84 -15.13
CA ASP A 192 9.27 -5.49 -16.49
C ASP A 192 9.85 -4.19 -17.04
N GLU A 193 10.16 -3.20 -16.19
CA GLU A 193 10.70 -1.93 -16.68
C GLU A 193 12.20 -1.94 -16.83
N ASP A 194 12.73 -1.00 -17.63
CA ASP A 194 14.16 -0.71 -17.73
C ASP A 194 14.38 0.47 -16.79
N TRP A 195 15.04 0.25 -15.65
CA TRP A 195 15.23 1.31 -14.65
C TRP A 195 16.51 2.11 -14.99
N VAL A 196 16.30 3.37 -15.42
CA VAL A 196 17.33 4.30 -15.90
C VAL A 196 17.52 5.41 -14.89
N LEU A 197 18.72 6.00 -14.85
CA LEU A 197 19.03 7.11 -13.94
C LEU A 197 18.04 8.28 -14.15
N ASN A 198 17.50 8.83 -13.05
CA ASN A 198 16.62 10.00 -13.12
C ASN A 198 17.54 11.21 -12.89
N PRO A 199 17.81 12.03 -13.93
CA PRO A 199 18.73 13.17 -13.75
C PRO A 199 18.09 14.38 -13.07
N LYS A 200 16.77 14.36 -12.80
CA LYS A 200 16.04 15.49 -12.23
C LYS A 200 15.93 15.45 -10.70
N VAL A 201 16.41 14.36 -10.04
CA VAL A 201 16.37 14.23 -8.57
C VAL A 201 17.82 14.17 -8.06
N GLU A 202 18.20 15.06 -7.13
CA GLU A 202 19.57 15.14 -6.57
C GLU A 202 19.97 13.85 -5.84
N GLN A 203 19.06 13.26 -5.05
CA GLN A 203 19.31 11.98 -4.39
C GLN A 203 19.13 10.90 -5.46
N MET A 204 20.14 10.03 -5.65
CA MET A 204 20.10 9.03 -6.72
CA MET A 204 20.09 9.04 -6.73
C MET A 204 18.92 8.06 -6.62
N GLN A 205 18.06 8.06 -7.66
CA GLN A 205 16.91 7.17 -7.81
C GLN A 205 16.74 6.87 -9.28
N LEU A 206 16.17 5.72 -9.59
CA LEU A 206 15.94 5.33 -10.96
C LEU A 206 14.50 5.62 -11.35
N MET A 207 14.25 5.69 -12.65
CA MET A 207 12.93 5.92 -13.22
C MET A 207 12.70 4.92 -14.30
N ASP A 208 11.43 4.63 -14.57
CA ASP A 208 11.07 3.72 -15.65
C ASP A 208 11.30 4.46 -16.95
N ARG A 209 12.00 3.84 -17.88
CA ARG A 209 12.24 4.55 -19.16
C ARG A 209 10.94 4.63 -19.98
N ALA A 210 9.95 3.73 -19.78
CA ALA A 210 8.69 3.80 -20.54
C ALA A 210 7.93 5.13 -20.36
N THR A 211 7.77 5.62 -19.12
CA THR A 211 7.02 6.86 -18.86
C THR A 211 7.80 7.94 -18.07
N THR A 212 8.86 7.55 -17.30
CA THR A 212 9.62 8.43 -16.39
C THR A 212 8.77 8.87 -15.17
N LYS A 213 7.55 8.33 -14.96
CA LYS A 213 6.66 8.72 -13.85
C LYS A 213 6.84 7.86 -12.60
N LEU A 214 7.49 6.69 -12.71
CA LEU A 214 7.76 5.80 -11.59
C LEU A 214 9.18 5.92 -11.12
N MET A 215 9.40 5.39 -9.91
CA MET A 215 10.71 5.39 -9.31
C MET A 215 11.00 4.10 -8.55
N MET A 216 12.29 3.85 -8.37
CA MET A 216 12.88 2.80 -7.54
C MET A 216 14.09 3.35 -6.82
N LEU A 217 14.18 3.03 -5.53
CA LEU A 217 15.30 3.39 -4.67
C LEU A 217 16.43 2.42 -4.92
N PRO A 218 17.68 2.78 -4.53
CA PRO A 218 18.76 1.78 -4.55
C PRO A 218 18.42 0.53 -3.71
N SER A 219 17.74 0.70 -2.55
CA SER A 219 17.31 -0.43 -1.71
C SER A 219 16.23 -1.31 -2.38
N ASP A 220 15.45 -0.77 -3.33
CA ASP A 220 14.45 -1.55 -4.06
C ASP A 220 15.11 -2.38 -5.13
N VAL A 221 16.03 -1.76 -5.90
CA VAL A 221 16.69 -2.46 -6.99
C VAL A 221 17.73 -3.46 -6.50
N CYS A 222 18.18 -3.36 -5.21
CA CYS A 222 19.11 -4.34 -4.66
C CYS A 222 18.45 -5.72 -4.54
N LEU A 223 17.10 -5.78 -4.55
CA LEU A 223 16.36 -7.05 -4.52
C LEU A 223 16.60 -7.85 -5.80
N LEU A 224 16.89 -7.18 -6.95
CA LEU A 224 17.24 -7.85 -8.21
C LEU A 224 18.69 -8.28 -8.25
N LEU A 225 19.57 -7.50 -7.62
CA LEU A 225 21.03 -7.72 -7.65
C LEU A 225 21.47 -8.91 -6.78
N ASP A 226 20.78 -9.15 -5.66
CA ASP A 226 21.07 -10.24 -4.75
C ASP A 226 20.49 -11.57 -5.30
N PRO A 227 21.26 -12.68 -5.39
CA PRO A 227 20.69 -13.93 -5.93
C PRO A 227 19.50 -14.51 -5.15
N SER A 228 19.53 -14.44 -3.82
CA SER A 228 18.41 -14.96 -3.02
C SER A 228 17.16 -14.08 -3.18
N TYR A 229 17.29 -12.75 -2.97
CA TYR A 229 16.13 -11.84 -3.09
C TYR A 229 15.49 -11.85 -4.48
N ARG A 230 16.29 -11.95 -5.58
CA ARG A 230 15.76 -11.96 -6.94
CA ARG A 230 15.73 -11.95 -6.94
C ARG A 230 14.76 -13.10 -7.15
N LYS A 231 15.05 -14.30 -6.61
CA LYS A 231 14.16 -15.46 -6.77
C LYS A 231 12.78 -15.23 -6.11
N TYR A 232 12.71 -14.48 -4.99
CA TYR A 232 11.43 -14.15 -4.34
C TYR A 232 10.73 -13.03 -5.12
N VAL A 233 11.48 -12.09 -5.71
CA VAL A 233 10.90 -11.03 -6.57
C VAL A 233 10.16 -11.72 -7.75
N GLU A 234 10.81 -12.73 -8.35
CA GLU A 234 10.24 -13.51 -9.46
C GLU A 234 9.01 -14.30 -9.02
N LEU A 235 9.06 -14.91 -7.84
CA LEU A 235 7.95 -15.68 -7.29
C LEU A 235 6.71 -14.80 -7.11
N TYR A 236 6.87 -13.62 -6.47
CA TYR A 236 5.73 -12.75 -6.21
C TYR A 236 5.22 -12.04 -7.45
N ALA A 237 6.10 -11.67 -8.41
CA ALA A 237 5.67 -11.06 -9.67
C ALA A 237 4.73 -12.01 -10.44
N LYS A 238 4.93 -13.34 -10.31
CA LYS A 238 4.15 -14.36 -11.00
C LYS A 238 2.88 -14.80 -10.25
N ASP A 239 2.82 -14.66 -8.91
CA ASP A 239 1.68 -15.14 -8.11
C ASP A 239 1.22 -14.11 -7.07
N ASN A 240 0.14 -13.36 -7.39
CA ASN A 240 -0.40 -12.32 -6.50
C ASN A 240 -1.05 -12.93 -5.25
N ASP A 241 -1.73 -14.08 -5.38
CA ASP A 241 -2.37 -14.74 -4.23
C ASP A 241 -1.32 -15.16 -3.19
N ARG A 242 -0.18 -15.69 -3.68
CA ARG A 242 0.95 -16.09 -2.82
C ARG A 242 1.55 -14.84 -2.15
N PHE A 243 1.65 -13.73 -2.91
CA PHE A 243 2.14 -12.47 -2.33
C PHE A 243 1.24 -12.00 -1.20
N ASN A 244 -0.08 -12.02 -1.41
CA ASN A 244 -1.06 -11.58 -0.40
C ASN A 244 -0.95 -12.42 0.88
N LYS A 245 -0.83 -13.75 0.75
CA LYS A 245 -0.71 -14.65 1.91
C LYS A 245 0.62 -14.46 2.63
N ASP A 246 1.73 -14.38 1.88
CA ASP A 246 3.05 -14.20 2.49
C ASP A 246 3.18 -12.81 3.12
N PHE A 247 2.59 -11.76 2.50
CA PHE A 247 2.61 -10.42 3.10
C PHE A 247 1.79 -10.41 4.40
N ALA A 248 0.60 -11.03 4.40
CA ALA A 248 -0.27 -11.08 5.58
C ALA A 248 0.45 -11.69 6.79
N ASN A 249 1.10 -12.84 6.57
CA ASN A 249 1.84 -13.54 7.61
C ASN A 249 3.01 -12.73 8.15
N ALA A 250 3.82 -12.11 7.25
CA ALA A 250 4.98 -11.31 7.63
C ALA A 250 4.59 -10.00 8.31
N PHE A 251 3.57 -9.29 7.78
CA PHE A 251 3.11 -8.03 8.39
C PHE A 251 2.50 -8.30 9.78
N LYS A 252 1.80 -9.44 9.96
CA LYS A 252 1.23 -9.83 11.26
C LYS A 252 2.38 -10.11 12.25
N LYS A 253 3.43 -10.82 11.81
CA LYS A 253 4.61 -11.12 12.63
C LYS A 253 5.30 -9.81 13.03
N LEU A 254 5.45 -8.87 12.07
CA LEU A 254 6.06 -7.55 12.30
C LEU A 254 5.33 -6.76 13.40
N THR A 255 4.00 -6.63 13.26
CA THR A 255 3.14 -5.87 14.19
C THR A 255 2.88 -6.58 15.54
N GLU A 256 3.39 -7.82 15.73
CA GLU A 256 3.28 -8.56 16.98
C GLU A 256 4.67 -8.78 17.64
N LEU A 257 5.75 -8.16 17.11
CA LEU A 257 7.09 -8.24 17.72
C LEU A 257 7.08 -7.57 19.08
N GLY A 258 7.68 -8.20 20.07
CA GLY A 258 7.73 -7.66 21.44
C GLY A 258 6.41 -7.60 22.17
N THR A 259 5.39 -8.35 21.71
CA THR A 259 4.07 -8.37 22.35
C THR A 259 3.91 -9.67 23.09
N ARG A 260 2.95 -9.69 24.02
CA ARG A 260 2.67 -10.83 24.89
CA ARG A 260 2.68 -10.82 24.89
C ARG A 260 1.16 -11.02 25.05
N ASN A 261 0.72 -12.30 25.08
CA ASN A 261 -0.66 -12.75 25.32
C ASN A 261 -1.76 -11.83 24.75
N LEU A 262 -1.74 -11.63 23.44
CA LEU A 262 -2.75 -10.82 22.77
C LEU A 262 -4.02 -11.64 22.56
N HIS A 263 -5.13 -10.95 22.28
CA HIS A 263 -6.44 -11.57 22.13
C HIS A 263 -6.91 -11.53 20.67
N LYS A 264 -7.47 -12.64 20.16
CA LYS A 264 -8.00 -12.70 18.79
C LYS A 264 -9.29 -11.89 18.70
N ALA A 265 -9.33 -10.87 17.81
CA ALA A 265 -10.52 -10.03 17.63
C ALA A 265 -11.50 -10.72 16.70
N PRO A 266 -12.82 -10.40 16.76
CA PRO A 266 -13.75 -11.03 15.81
C PRO A 266 -13.54 -10.53 14.38
N ALA A 267 -13.93 -11.33 13.38
CA ALA A 267 -13.80 -10.96 11.97
C ALA A 267 -14.84 -9.89 11.58
N SER A 268 -14.57 -9.16 10.49
CA SER A 268 -15.40 -8.08 9.91
C SER A 268 -15.93 -7.11 10.98
N GLY B 12 -24.78 4.83 -8.59
CA GLY B 12 -23.75 5.43 -7.74
C GLY B 12 -23.80 6.94 -7.68
N ASP B 13 -22.96 7.52 -6.80
CA ASP B 13 -22.79 8.97 -6.66
C ASP B 13 -21.68 9.40 -7.63
N VAL B 14 -22.00 10.31 -8.56
CA VAL B 14 -21.07 10.80 -9.59
C VAL B 14 -19.89 11.58 -8.95
N GLU B 15 -20.18 12.42 -7.94
CA GLU B 15 -19.15 13.23 -7.26
CA GLU B 15 -19.14 13.23 -7.28
C GLU B 15 -18.07 12.33 -6.64
N ARG B 16 -18.50 11.28 -5.88
CA ARG B 16 -17.56 10.34 -5.26
C ARG B 16 -16.85 9.51 -6.32
N GLY B 17 -17.56 9.18 -7.40
CA GLY B 17 -17.03 8.45 -8.54
C GLY B 17 -15.90 9.17 -9.24
N GLU B 18 -16.05 10.51 -9.44
CA GLU B 18 -15.00 11.32 -10.08
C GLU B 18 -13.76 11.37 -9.19
N LYS B 19 -13.95 11.58 -7.87
CA LYS B 19 -12.85 11.65 -6.91
C LYS B 19 -12.15 10.29 -6.80
N LEU B 20 -12.89 9.18 -6.84
CA LEU B 20 -12.28 7.84 -6.83
C LEU B 20 -11.48 7.62 -8.12
N PHE B 21 -12.03 8.04 -9.28
CA PHE B 21 -11.35 7.93 -10.57
C PHE B 21 -10.04 8.74 -10.54
N LYS B 22 -10.03 9.96 -9.95
CA LYS B 22 -8.82 10.78 -9.86
CA LYS B 22 -8.82 10.78 -9.86
C LYS B 22 -7.75 10.07 -9.03
N GLY B 23 -8.17 9.50 -7.89
CA GLY B 23 -7.28 8.80 -6.97
C GLY B 23 -6.87 7.39 -7.37
N ARG B 24 -7.63 6.71 -8.25
CA ARG B 24 -7.32 5.34 -8.66
C ARG B 24 -7.00 5.14 -10.17
N ALA B 25 -7.58 5.95 -11.10
CA ALA B 25 -7.39 5.77 -12.54
C ALA B 25 -6.48 6.81 -13.25
N ALA B 26 -6.34 8.05 -12.71
CA ALA B 26 -5.64 9.16 -13.37
C ALA B 26 -4.19 8.89 -13.80
N GLN B 27 -3.41 8.06 -13.09
CA GLN B 27 -2.03 7.77 -13.52
C GLN B 27 -2.02 6.97 -14.85
N CYS B 28 -3.09 6.19 -15.14
CA CYS B 28 -3.18 5.34 -16.35
C CYS B 28 -4.19 5.81 -17.41
N HIS B 29 -5.34 6.40 -17.01
CA HIS B 29 -6.42 6.79 -17.93
C HIS B 29 -6.79 8.26 -17.89
N THR B 30 -7.11 8.80 -19.07
CA THR B 30 -7.68 10.14 -19.25
C THR B 30 -9.20 9.96 -19.45
N ALA B 31 -10.00 10.94 -19.00
CA ALA B 31 -11.47 10.87 -19.09
C ALA B 31 -12.08 11.93 -20.04
N THR B 32 -11.28 12.85 -20.60
CA THR B 32 -11.80 13.91 -21.48
C THR B 32 -12.07 13.40 -22.91
N LYS B 33 -13.04 14.04 -23.60
CA LYS B 33 -13.38 13.73 -24.99
C LYS B 33 -12.15 13.96 -25.86
N GLY B 34 -11.73 12.94 -26.59
CA GLY B 34 -10.53 13.00 -27.42
C GLY B 34 -9.26 13.09 -26.59
N GLY B 35 -9.31 12.59 -25.34
CA GLY B 35 -8.18 12.60 -24.42
C GLY B 35 -7.08 11.67 -24.87
N SER B 36 -5.86 11.90 -24.39
CA SER B 36 -4.70 11.14 -24.82
C SER B 36 -4.62 9.73 -24.23
N ASN B 37 -4.08 8.81 -25.05
CA ASN B 37 -3.77 7.43 -24.66
C ASN B 37 -2.42 7.45 -23.93
N GLY B 38 -2.30 6.72 -22.83
CA GLY B 38 -1.09 6.63 -22.02
C GLY B 38 -0.79 5.21 -21.62
N VAL B 39 -0.68 4.92 -20.31
CA VAL B 39 -0.48 3.54 -19.85
C VAL B 39 -1.71 2.71 -20.27
N GLY B 40 -2.90 3.30 -20.06
CA GLY B 40 -4.18 2.73 -20.45
C GLY B 40 -4.86 3.60 -21.50
N PRO B 41 -5.89 3.07 -22.20
CA PRO B 41 -6.57 3.89 -23.22
C PRO B 41 -7.43 5.01 -22.65
N ASN B 42 -7.81 5.97 -23.51
CA ASN B 42 -8.78 7.01 -23.13
C ASN B 42 -10.11 6.31 -22.88
N LEU B 43 -10.80 6.60 -21.76
CA LEU B 43 -12.05 5.92 -21.41
C LEU B 43 -13.32 6.76 -21.65
N PHE B 44 -13.24 7.82 -22.47
CA PHE B 44 -14.43 8.62 -22.78
C PHE B 44 -15.37 7.79 -23.65
N GLY B 45 -16.64 7.71 -23.25
CA GLY B 45 -17.65 6.94 -23.98
C GLY B 45 -17.51 5.43 -23.87
N ILE B 46 -16.71 4.91 -22.92
CA ILE B 46 -16.50 3.45 -22.80
C ILE B 46 -17.74 2.66 -22.31
N VAL B 47 -18.68 3.27 -21.56
CA VAL B 47 -19.82 2.51 -21.04
C VAL B 47 -20.65 1.99 -22.23
N ASN B 48 -20.93 0.67 -22.20
CA ASN B 48 -21.68 -0.10 -23.20
C ASN B 48 -20.91 -0.33 -24.51
N ARG B 49 -19.59 -0.05 -24.54
CA ARG B 49 -18.80 -0.30 -25.74
C ARG B 49 -18.22 -1.70 -25.72
N PRO B 50 -17.90 -2.30 -26.89
CA PRO B 50 -17.16 -3.57 -26.88
C PRO B 50 -15.74 -3.30 -26.40
N SER B 51 -15.08 -4.32 -25.86
CA SER B 51 -13.73 -4.17 -25.36
C SER B 51 -12.69 -4.08 -26.48
N GLY B 52 -11.53 -3.50 -26.19
CA GLY B 52 -10.39 -3.43 -27.10
C GLY B 52 -10.53 -2.63 -28.38
N LYS B 53 -11.26 -1.49 -28.36
CA LYS B 53 -11.51 -0.71 -29.58
C LYS B 53 -11.21 0.80 -29.48
N VAL B 54 -10.55 1.28 -28.42
CA VAL B 54 -10.21 2.71 -28.35
C VAL B 54 -9.12 3.02 -29.40
N GLU B 55 -9.33 4.06 -30.20
CA GLU B 55 -8.43 4.46 -31.29
C GLU B 55 -7.04 4.90 -30.79
N GLY B 56 -5.99 4.33 -31.38
CA GLY B 56 -4.61 4.64 -31.06
C GLY B 56 -3.95 3.79 -30.00
N PHE B 57 -4.75 3.04 -29.19
CA PHE B 57 -4.20 2.22 -28.11
C PHE B 57 -3.85 0.79 -28.57
N THR B 58 -2.72 0.28 -28.08
CA THR B 58 -2.22 -1.07 -28.36
C THR B 58 -2.56 -1.94 -27.15
N TYR B 59 -3.62 -2.75 -27.29
CA TYR B 59 -4.09 -3.62 -26.22
C TYR B 59 -3.27 -4.89 -26.10
N SER B 60 -3.48 -5.63 -25.01
CA SER B 60 -2.89 -6.95 -24.83
C SER B 60 -3.61 -7.94 -25.74
N LYS B 61 -3.07 -9.16 -25.87
CA LYS B 61 -3.69 -10.21 -26.68
C LYS B 61 -5.08 -10.61 -26.10
N ALA B 62 -5.20 -10.64 -24.76
CA ALA B 62 -6.43 -10.99 -24.05
C ALA B 62 -7.56 -9.97 -24.25
N ASN B 63 -7.26 -8.67 -24.11
CA ASN B 63 -8.25 -7.59 -24.23
C ASN B 63 -8.64 -7.35 -25.70
N ALA B 64 -7.70 -7.53 -26.64
CA ALA B 64 -7.99 -7.32 -28.06
C ALA B 64 -8.96 -8.38 -28.57
N GLU B 65 -8.67 -9.67 -28.31
CA GLU B 65 -9.50 -10.78 -28.77
C GLU B 65 -10.73 -11.05 -27.87
N SER B 66 -10.87 -10.35 -26.72
CA SER B 66 -12.01 -10.57 -25.80
C SER B 66 -13.37 -10.31 -26.47
N GLY B 67 -14.41 -10.96 -25.93
CA GLY B 67 -15.78 -10.81 -26.40
C GLY B 67 -16.68 -10.02 -25.47
N VAL B 68 -16.12 -9.44 -24.39
CA VAL B 68 -16.94 -8.71 -23.40
C VAL B 68 -17.34 -7.33 -23.90
N ILE B 69 -18.51 -6.87 -23.43
CA ILE B 69 -19.10 -5.55 -23.66
C ILE B 69 -19.13 -4.88 -22.32
N TRP B 70 -18.66 -3.64 -22.23
CA TRP B 70 -18.53 -2.94 -20.96
C TRP B 70 -19.84 -2.31 -20.50
N THR B 71 -20.83 -3.15 -20.16
CA THR B 71 -22.08 -2.69 -19.58
C THR B 71 -21.82 -2.39 -18.09
N PRO B 72 -22.70 -1.63 -17.40
CA PRO B 72 -22.46 -1.37 -15.97
C PRO B 72 -22.33 -2.63 -15.10
N GLU B 73 -23.06 -3.72 -15.41
CA GLU B 73 -22.98 -4.97 -14.63
C GLU B 73 -21.65 -5.71 -14.89
N VAL B 74 -21.14 -5.69 -16.13
CA VAL B 74 -19.86 -6.34 -16.48
C VAL B 74 -18.69 -5.52 -15.89
N LEU B 75 -18.77 -4.18 -15.93
CA LEU B 75 -17.74 -3.31 -15.35
C LEU B 75 -17.63 -3.57 -13.83
N ASP B 76 -18.76 -3.86 -13.16
CA ASP B 76 -18.80 -4.19 -11.73
C ASP B 76 -17.95 -5.43 -11.39
N VAL B 77 -18.03 -6.50 -12.20
CA VAL B 77 -17.25 -7.73 -11.95
C VAL B 77 -15.75 -7.47 -12.25
N TYR B 78 -15.46 -6.82 -13.37
CA TYR B 78 -14.09 -6.53 -13.83
C TYR B 78 -13.32 -5.68 -12.83
N LEU B 79 -13.91 -4.57 -12.39
CA LEU B 79 -13.28 -3.67 -11.44
C LEU B 79 -13.04 -4.29 -10.05
N GLU B 80 -13.73 -5.40 -9.70
CA GLU B 80 -13.51 -6.08 -8.42
CA GLU B 80 -13.51 -6.09 -8.42
C GLU B 80 -12.21 -6.87 -8.48
N ASN B 81 -11.90 -7.51 -9.64
CA ASN B 81 -10.68 -8.30 -9.82
C ASN B 81 -10.39 -8.44 -11.34
N PRO B 82 -9.65 -7.48 -11.93
CA PRO B 82 -9.42 -7.50 -13.39
C PRO B 82 -8.72 -8.75 -13.94
N LYS B 83 -7.66 -9.23 -13.27
CA LYS B 83 -6.89 -10.39 -13.73
C LYS B 83 -7.67 -11.71 -13.60
N LYS B 84 -8.63 -11.80 -12.66
CA LYS B 84 -9.48 -12.98 -12.51
C LYS B 84 -10.55 -13.01 -13.62
N PHE B 85 -11.18 -11.86 -13.89
CA PHE B 85 -12.23 -11.74 -14.91
C PHE B 85 -11.64 -11.86 -16.34
N MET B 86 -10.51 -11.19 -16.62
CA MET B 86 -9.86 -11.24 -17.93
C MET B 86 -8.39 -11.68 -17.77
N PRO B 87 -8.12 -13.01 -17.71
CA PRO B 87 -6.73 -13.46 -17.57
C PRO B 87 -5.89 -13.07 -18.77
N GLY B 88 -4.69 -12.56 -18.50
CA GLY B 88 -3.77 -12.08 -19.53
C GLY B 88 -3.78 -10.58 -19.70
N THR B 89 -4.74 -9.86 -19.04
CA THR B 89 -4.82 -8.40 -19.11
C THR B 89 -3.54 -7.72 -18.60
N LYS B 90 -3.18 -6.56 -19.17
CA LYS B 90 -2.02 -5.78 -18.74
C LYS B 90 -2.46 -4.60 -17.86
N MET B 91 -3.75 -4.55 -17.44
CA MET B 91 -4.22 -3.53 -16.51
C MET B 91 -3.74 -3.94 -15.11
N SER B 92 -2.76 -3.21 -14.56
CA SER B 92 -2.18 -3.50 -13.24
C SER B 92 -2.97 -2.76 -12.16
N PHE B 93 -4.19 -3.26 -11.86
CA PHE B 93 -5.08 -2.62 -10.90
C PHE B 93 -5.49 -3.62 -9.83
N ALA B 94 -5.30 -3.26 -8.55
CA ALA B 94 -5.60 -4.11 -7.39
C ALA B 94 -7.11 -4.42 -7.24
N GLY B 95 -7.97 -3.53 -7.74
CA GLY B 95 -9.41 -3.73 -7.74
C GLY B 95 -10.11 -2.95 -6.64
N ILE B 96 -11.42 -2.76 -6.79
CA ILE B 96 -12.26 -2.06 -5.83
C ILE B 96 -13.12 -3.14 -5.17
N LYS B 97 -12.77 -3.51 -3.94
CA LYS B 97 -13.40 -4.59 -3.21
C LYS B 97 -14.82 -4.28 -2.72
N LYS B 98 -15.12 -3.01 -2.38
CA LYS B 98 -16.44 -2.62 -1.86
CA LYS B 98 -16.44 -2.61 -1.85
C LYS B 98 -17.43 -2.28 -2.97
N PRO B 99 -18.68 -2.83 -2.94
CA PRO B 99 -19.66 -2.51 -4.00
C PRO B 99 -20.00 -1.03 -4.17
N GLN B 100 -20.13 -0.28 -3.06
CA GLN B 100 -20.49 1.14 -3.09
C GLN B 100 -19.48 1.95 -3.92
N GLU B 101 -18.17 1.70 -3.75
CA GLU B 101 -17.13 2.43 -4.51
CA GLU B 101 -17.13 2.44 -4.51
C GLU B 101 -17.16 2.03 -5.98
N ARG B 102 -17.41 0.74 -6.30
CA ARG B 102 -17.49 0.29 -7.70
C ARG B 102 -18.65 1.00 -8.38
N ALA B 103 -19.82 0.99 -7.73
CA ALA B 103 -21.04 1.65 -8.21
C ALA B 103 -20.80 3.15 -8.45
N ASP B 104 -20.10 3.82 -7.51
CA ASP B 104 -19.76 5.23 -7.65
C ASP B 104 -18.86 5.46 -8.88
N VAL B 105 -17.79 4.67 -9.04
CA VAL B 105 -16.88 4.80 -10.19
C VAL B 105 -17.64 4.55 -11.51
N ILE B 106 -18.50 3.52 -11.55
CA ILE B 106 -19.29 3.19 -12.74
C ILE B 106 -20.28 4.34 -13.07
N ALA B 107 -20.89 4.98 -12.06
CA ALA B 107 -21.79 6.11 -12.30
C ALA B 107 -21.02 7.28 -12.96
N TYR B 108 -19.74 7.53 -12.55
CA TYR B 108 -18.92 8.59 -13.14
C TYR B 108 -18.59 8.26 -14.62
N LEU B 109 -18.26 7.00 -14.93
CA LEU B 109 -17.98 6.57 -16.31
C LEU B 109 -19.22 6.74 -17.21
N GLU B 110 -20.45 6.59 -16.64
CA GLU B 110 -21.71 6.77 -17.40
C GLU B 110 -21.95 8.23 -17.83
N THR B 111 -21.35 9.23 -17.15
CA THR B 111 -21.50 10.64 -17.51
C THR B 111 -20.57 11.06 -18.66
N LEU B 112 -19.59 10.20 -19.05
CA LEU B 112 -18.64 10.52 -20.12
C LEU B 112 -19.28 10.21 -21.49
N LYS B 113 -20.37 10.96 -21.83
CA LYS B 113 -21.21 10.83 -23.03
C LYS B 113 -21.46 9.37 -23.43
CHA HEM C . 7.83 4.88 1.97
CHB HEM C . 12.27 3.24 2.36
CHC HEM C . 10.62 -1.01 3.90
CHD HEM C . 6.16 0.69 3.55
C1A HEM C . 9.21 4.84 2.00
C2A HEM C . 10.04 5.92 1.68
C3A HEM C . 11.29 5.47 1.79
C4A HEM C . 11.25 4.07 2.17
CMA HEM C . 12.58 6.26 1.54
CAA HEM C . 9.63 7.31 1.29
CBA HEM C . 9.12 8.06 2.49
CGA HEM C . 8.65 9.48 2.19
O1A HEM C . 9.39 10.25 1.54
O2A HEM C . 7.50 9.74 2.43
C1B HEM C . 12.23 1.89 2.77
C2B HEM C . 13.40 1.07 2.94
C3B HEM C . 12.88 -0.19 3.38
C4B HEM C . 11.50 -0.03 3.45
CMB HEM C . 14.82 1.47 2.70
CAB HEM C . 13.69 -1.33 3.69
CBB HEM C . 14.55 -1.87 2.85
C1C HEM C . 9.26 -0.86 4.01
C2C HEM C . 8.41 -1.91 4.55
C3C HEM C . 7.08 -1.45 4.48
C4C HEM C . 7.23 -0.07 3.86
CMC HEM C . 8.89 -3.24 5.10
CAC HEM C . 5.95 -2.07 4.89
CBC HEM C . 5.57 -3.20 5.36
C1D HEM C . 6.23 1.96 3.01
C2D HEM C . 5.02 2.78 2.64
C3D HEM C . 5.52 3.96 2.18
C4D HEM C . 6.98 3.87 2.28
CMD HEM C . 3.59 2.29 2.78
CAD HEM C . 4.72 5.12 1.64
CBD HEM C . 4.18 6.07 2.65
CGD HEM C . 3.42 7.19 2.03
O1D HEM C . 3.20 8.24 2.69
O2D HEM C . 2.97 7.07 0.87
NA HEM C . 9.94 3.69 2.31
NB HEM C . 11.09 1.27 3.04
NC HEM C . 8.51 0.23 3.63
ND HEM C . 7.36 2.64 2.72
FE HEM C . 9.22 1.94 2.89
K K D . -0.05 -0.74 -6.48
MG MG E . 8.78 1.82 18.57
FE HEC F . -7.86 0.46 -16.64
CHA HEC F . -8.25 -1.05 -19.70
CHB HEC F . -11.24 0.80 -16.36
CHC HEC F . -7.49 1.85 -13.52
CHD HEC F . -4.50 0.29 -16.96
NA HEC F . -9.41 -0.03 -17.79
C1A HEC F . -9.40 -0.65 -19.01
C2A HEC F . -10.72 -0.85 -19.52
C3A HEC F . -11.57 -0.34 -18.61
C4A HEC F . -10.75 0.18 -17.51
CMA HEC F . -13.08 -0.28 -18.65
CAA HEC F . -11.10 -1.54 -20.83
CBA HEC F . -10.96 -0.55 -21.98
CGA HEC F . -11.28 -1.11 -23.34
O1A HEC F . -11.61 -2.30 -23.50
O2A HEC F . -11.17 -0.30 -24.31
NB HEC F . -9.10 1.18 -15.26
C1B HEC F . -10.51 1.25 -15.32
C2B HEC F . -11.02 1.86 -14.14
C3B HEC F . -9.99 2.13 -13.34
C4B HEC F . -8.78 1.72 -14.03
CMB HEC F . -12.51 2.11 -13.93
CAB HEC F . -9.98 2.78 -11.94
CBB HEC F . -11.25 2.46 -11.09
NC HEC F . -6.30 0.97 -15.45
C1C HEC F . -6.33 1.52 -14.22
C2C HEC F . -5.02 1.74 -13.72
C3C HEC F . -4.17 1.34 -14.70
C4C HEC F . -4.99 0.83 -15.77
CMC HEC F . -4.67 2.32 -12.36
CAC HEC F . -2.67 1.38 -14.79
CBC HEC F . -1.93 0.68 -13.61
ND HEC F . -6.63 -0.24 -18.05
C1D HEC F . -5.24 -0.22 -17.96
C2D HEC F . -4.75 -0.84 -19.19
C3D HEC F . -5.76 -1.24 -19.95
C4D HEC F . -6.97 -0.83 -19.23
CMD HEC F . -3.22 -0.99 -19.44
CAD HEC F . -5.62 -1.97 -21.21
CBD HEC F . -5.52 -3.45 -20.75
CGD HEC F . -5.25 -4.52 -21.77
O1D HEC F . -5.00 -4.28 -22.97
O2D HEC F . -5.18 -5.69 -21.28
#